data_5AIQ
#
_entry.id   5AIQ
#
_cell.length_a   69.470
_cell.length_b   69.470
_cell.length_c   253.880
_cell.angle_alpha   90.00
_cell.angle_beta   90.00
_cell.angle_gamma   90.00
#
_symmetry.space_group_name_H-M   'P 43 21 2'
#
loop_
_entity.id
_entity.type
_entity.pdbx_description
1 polymer 'TRANSCRIPTIONAL REGULATOR, MARR FAMILY'
2 water water
#
_entity_poly.entity_id   1
_entity_poly.type   'polypeptide(L)'
_entity_poly.pdbx_seq_one_letter_code
;MPTQSKHASINIGLIQAREALMTQFRPILNQANITDQQWRIIRLLAENGTLDFQDLANQACILRPSLTGILTRLEKAGLV
VRLKPSNDQRRVFLKLTAEGEKLYEEIGEEVDERYDAIEEVLGREKMLLLKDLLAELAKIEDALNS
;
_entity_poly.pdbx_strand_id   A,B,C,D
#
# COMPACT_ATOMS: atom_id res chain seq x y z
N ALA A 8 -3.85 -11.71 27.99
CA ALA A 8 -5.00 -10.98 27.44
C ALA A 8 -6.03 -11.94 26.87
N SER A 9 -7.16 -11.41 26.43
CA SER A 9 -8.18 -12.27 25.88
C SER A 9 -7.83 -12.52 24.42
N ILE A 10 -8.67 -13.26 23.70
CA ILE A 10 -8.39 -13.48 22.30
C ILE A 10 -8.91 -12.29 21.51
N ASN A 11 -10.07 -11.79 21.93
CA ASN A 11 -10.68 -10.60 21.36
C ASN A 11 -9.75 -9.39 21.39
N ILE A 12 -9.19 -9.14 22.56
CA ILE A 12 -8.30 -8.00 22.75
C ILE A 12 -6.96 -8.22 22.05
N GLY A 13 -6.44 -9.44 22.16
CA GLY A 13 -5.18 -9.80 21.51
C GLY A 13 -5.24 -9.60 20.01
N LEU A 14 -6.40 -9.91 19.42
CA LEU A 14 -6.58 -9.75 17.99
C LEU A 14 -6.52 -8.29 17.56
N ILE A 15 -7.21 -7.43 18.29
CA ILE A 15 -7.29 -6.03 17.89
C ILE A 15 -6.01 -5.28 18.23
N GLN A 16 -5.29 -5.72 19.26
CA GLN A 16 -4.04 -5.07 19.61
C GLN A 16 -2.98 -5.39 18.56
N ALA A 17 -3.01 -6.61 18.06
CA ALA A 17 -2.09 -7.01 17.01
C ALA A 17 -2.36 -6.23 15.74
N ARG A 18 -3.63 -6.08 15.40
CA ARG A 18 -3.98 -5.39 14.16
C ARG A 18 -3.75 -3.88 14.29
N GLU A 19 -3.92 -3.36 15.50
CA GLU A 19 -3.68 -1.94 15.75
C GLU A 19 -2.22 -1.56 15.53
N ALA A 20 -1.32 -2.41 16.03
CA ALA A 20 0.11 -2.21 15.86
C ALA A 20 0.51 -2.33 14.39
N LEU A 21 -0.24 -3.13 13.65
CA LEU A 21 0.01 -3.31 12.22
C LEU A 21 -0.47 -2.10 11.44
N MET A 22 -1.56 -1.49 11.89
CA MET A 22 -2.13 -0.34 11.19
C MET A 22 -1.22 0.86 11.36
N THR A 23 -0.50 0.89 12.48
CA THR A 23 0.46 1.94 12.77
C THR A 23 1.59 1.88 11.74
N GLN A 24 1.87 0.68 11.25
CA GLN A 24 2.92 0.46 10.25
C GLN A 24 2.42 0.74 8.84
N PHE A 25 1.10 0.79 8.67
CA PHE A 25 0.51 1.00 7.36
C PHE A 25 0.05 2.44 7.19
N ARG A 26 -0.16 3.13 8.31
CA ARG A 26 -0.69 4.49 8.29
C ARG A 26 0.13 5.47 7.45
N PRO A 27 1.48 5.48 7.59
CA PRO A 27 2.22 6.38 6.70
C PRO A 27 2.04 6.03 5.22
N ILE A 28 1.92 4.74 4.94
CA ILE A 28 1.73 4.26 3.59
C ILE A 28 0.35 4.64 3.04
N LEU A 29 -0.68 4.39 3.83
CA LEU A 29 -2.04 4.69 3.41
C LEU A 29 -2.28 6.19 3.26
N ASN A 30 -1.62 6.99 4.10
CA ASN A 30 -1.78 8.44 4.03
C ASN A 30 -1.06 9.05 2.83
N GLN A 31 -0.04 8.35 2.36
CA GLN A 31 0.72 8.81 1.20
C GLN A 31 -0.14 8.67 -0.05
N ALA A 32 -1.05 7.71 -0.02
CA ALA A 32 -2.01 7.52 -1.11
C ALA A 32 -3.38 8.10 -0.78
N ASN A 33 -3.50 8.73 0.39
CA ASN A 33 -4.75 9.32 0.85
C ASN A 33 -5.91 8.31 0.83
N ILE A 34 -5.60 7.07 1.17
CA ILE A 34 -6.56 5.97 1.26
C ILE A 34 -6.84 5.63 2.72
N THR A 35 -8.08 5.28 3.05
CA THR A 35 -8.38 4.85 4.42
C THR A 35 -8.17 3.34 4.57
N ASP A 36 -8.21 2.88 5.81
CA ASP A 36 -8.05 1.46 6.14
C ASP A 36 -9.07 0.60 5.40
N GLN A 37 -10.35 0.93 5.53
CA GLN A 37 -11.41 0.15 4.91
C GLN A 37 -11.29 0.14 3.38
N GLN A 38 -10.92 1.27 2.80
CA GLN A 38 -10.76 1.37 1.35
C GLN A 38 -9.65 0.45 0.86
N TRP A 39 -8.55 0.38 1.59
CA TRP A 39 -7.46 -0.49 1.22
C TRP A 39 -7.88 -1.97 1.30
N ARG A 40 -8.68 -2.29 2.30
CA ARG A 40 -9.19 -3.65 2.44
C ARG A 40 -9.99 -4.05 1.21
N ILE A 41 -10.83 -3.13 0.73
CA ILE A 41 -11.66 -3.37 -0.45
C ILE A 41 -10.83 -3.55 -1.71
N ILE A 42 -9.86 -2.67 -1.91
CA ILE A 42 -9.01 -2.71 -3.08
C ILE A 42 -8.20 -4.01 -3.15
N ARG A 43 -7.65 -4.42 -2.01
CA ARG A 43 -6.86 -5.64 -1.95
C ARG A 43 -7.71 -6.86 -2.28
N LEU A 44 -8.92 -6.90 -1.73
CA LEU A 44 -9.83 -8.00 -1.98
C LEU A 44 -10.26 -8.06 -3.44
N LEU A 45 -10.51 -6.90 -4.04
CA LEU A 45 -10.94 -6.83 -5.43
C LEU A 45 -9.81 -7.25 -6.38
N ALA A 46 -8.58 -7.18 -5.90
CA ALA A 46 -7.42 -7.56 -6.70
C ALA A 46 -7.12 -9.05 -6.56
N GLU A 47 -7.22 -9.58 -5.34
CA GLU A 47 -6.91 -10.97 -5.08
C GLU A 47 -8.02 -11.85 -5.65
N ASN A 48 -9.20 -11.27 -5.78
CA ASN A 48 -10.30 -11.93 -6.47
C ASN A 48 -10.43 -11.23 -7.80
N GLY A 49 -11.20 -11.79 -8.72
CA GLY A 49 -11.36 -11.13 -10.01
C GLY A 49 -12.31 -9.97 -9.83
N THR A 50 -13.53 -10.32 -9.47
CA THR A 50 -14.59 -9.37 -9.18
C THR A 50 -15.37 -9.87 -7.99
N LEU A 51 -16.01 -8.97 -7.27
CA LEU A 51 -16.77 -9.35 -6.10
C LEU A 51 -18.09 -8.59 -6.09
N ASP A 52 -19.16 -9.28 -5.70
CA ASP A 52 -20.45 -8.62 -5.59
C ASP A 52 -20.52 -7.88 -4.26
N PHE A 53 -21.55 -7.05 -4.12
CA PHE A 53 -21.69 -6.17 -2.97
C PHE A 53 -21.67 -6.96 -1.66
N GLN A 54 -22.48 -8.01 -1.59
CA GLN A 54 -22.61 -8.81 -0.37
C GLN A 54 -21.31 -9.53 0.02
N ASP A 55 -20.69 -10.19 -0.97
CA ASP A 55 -19.46 -10.93 -0.72
C ASP A 55 -18.33 -10.01 -0.30
N LEU A 56 -18.29 -8.82 -0.89
CA LEU A 56 -17.27 -7.83 -0.55
C LEU A 56 -17.46 -7.35 0.89
N ALA A 57 -18.72 -7.16 1.28
CA ALA A 57 -19.04 -6.69 2.62
C ALA A 57 -18.59 -7.69 3.67
N ASN A 58 -18.85 -8.97 3.43
CA ASN A 58 -18.51 -10.03 4.37
C ASN A 58 -17.00 -10.19 4.56
N GLN A 59 -16.25 -10.11 3.46
CA GLN A 59 -14.81 -10.34 3.53
C GLN A 59 -14.06 -9.13 4.04
N ALA A 60 -14.53 -7.94 3.68
CA ALA A 60 -13.90 -6.71 4.12
C ALA A 60 -14.33 -6.34 5.53
N CYS A 61 -15.35 -7.03 6.02
CA CYS A 61 -15.95 -6.77 7.32
C CYS A 61 -16.40 -5.31 7.44
N ILE A 62 -17.22 -4.89 6.48
CA ILE A 62 -17.79 -3.55 6.49
C ILE A 62 -19.30 -3.64 6.38
N LEU A 63 -20.00 -2.91 7.24
CA LEU A 63 -21.46 -2.87 7.22
C LEU A 63 -21.98 -2.35 5.88
N ARG A 64 -23.05 -2.95 5.40
CA ARG A 64 -23.62 -2.62 4.09
C ARG A 64 -23.95 -1.13 3.88
N PRO A 65 -24.58 -0.47 4.87
CA PRO A 65 -24.82 0.97 4.65
C PRO A 65 -23.52 1.77 4.55
N SER A 66 -22.53 1.38 5.34
CA SER A 66 -21.24 2.06 5.33
C SER A 66 -20.47 1.77 4.05
N LEU A 67 -20.59 0.56 3.55
CA LEU A 67 -19.89 0.14 2.34
C LEU A 67 -20.34 0.91 1.11
N THR A 68 -21.64 1.18 1.04
CA THR A 68 -22.22 1.93 -0.07
C THR A 68 -21.54 3.28 -0.26
N GLY A 69 -21.41 4.03 0.83
CA GLY A 69 -20.77 5.33 0.78
C GLY A 69 -19.31 5.24 0.38
N ILE A 70 -18.62 4.24 0.92
CA ILE A 70 -17.22 4.02 0.60
C ILE A 70 -17.03 3.69 -0.89
N LEU A 71 -17.92 2.85 -1.42
CA LEU A 71 -17.83 2.45 -2.82
C LEU A 71 -17.98 3.61 -3.80
N THR A 72 -18.92 4.51 -3.52
CA THR A 72 -19.13 5.66 -4.40
C THR A 72 -17.87 6.52 -4.45
N ARG A 73 -17.21 6.68 -3.31
CA ARG A 73 -16.00 7.48 -3.21
C ARG A 73 -14.86 6.87 -4.01
N LEU A 74 -14.76 5.54 -3.97
CA LEU A 74 -13.73 4.82 -4.72
C LEU A 74 -13.98 4.95 -6.22
N GLU A 75 -15.25 5.12 -6.60
CA GLU A 75 -15.61 5.28 -8.00
C GLU A 75 -15.38 6.71 -8.46
N LYS A 76 -15.65 7.67 -7.57
CA LYS A 76 -15.36 9.08 -7.86
C LYS A 76 -13.87 9.26 -8.10
N ALA A 77 -13.07 8.47 -7.39
CA ALA A 77 -11.62 8.52 -7.53
C ALA A 77 -11.14 7.66 -8.70
N GLY A 78 -12.08 7.02 -9.37
CA GLY A 78 -11.76 6.20 -10.53
C GLY A 78 -10.93 4.98 -10.20
N LEU A 79 -11.14 4.43 -9.01
CA LEU A 79 -10.39 3.27 -8.56
C LEU A 79 -11.22 1.99 -8.65
N VAL A 80 -12.54 2.15 -8.53
CA VAL A 80 -13.47 1.02 -8.60
C VAL A 80 -14.57 1.33 -9.61
N VAL A 81 -15.08 0.31 -10.30
CA VAL A 81 -16.14 0.50 -11.28
C VAL A 81 -17.22 -0.57 -11.15
N ARG A 82 -18.47 -0.16 -11.28
CA ARG A 82 -19.60 -1.09 -11.23
C ARG A 82 -19.83 -1.73 -12.60
N LEU A 83 -20.34 -2.96 -12.59
CA LEU A 83 -20.59 -3.70 -13.82
C LEU A 83 -22.09 -3.73 -14.16
N VAL A 92 -25.11 -7.21 -8.53
CA VAL A 92 -24.25 -6.03 -8.56
C VAL A 92 -22.80 -6.37 -8.20
N PHE A 93 -21.91 -6.26 -9.18
CA PHE A 93 -20.51 -6.63 -9.01
C PHE A 93 -19.55 -5.43 -9.07
N LEU A 94 -18.45 -5.53 -8.34
CA LEU A 94 -17.45 -4.47 -8.31
C LEU A 94 -16.11 -4.96 -8.85
N LYS A 95 -15.37 -4.05 -9.48
CA LYS A 95 -14.06 -4.38 -10.06
C LYS A 95 -13.16 -3.16 -9.98
N LEU A 96 -11.86 -3.40 -9.84
CA LEU A 96 -10.89 -2.32 -9.87
C LEU A 96 -10.72 -1.79 -11.29
N THR A 97 -10.48 -0.49 -11.42
CA THR A 97 -10.16 0.10 -12.71
C THR A 97 -8.68 -0.09 -13.00
N ALA A 98 -8.21 0.42 -14.12
CA ALA A 98 -6.79 0.38 -14.44
C ALA A 98 -6.00 1.13 -13.37
N GLU A 99 -6.54 2.27 -12.96
CA GLU A 99 -5.94 3.08 -11.90
C GLU A 99 -6.04 2.36 -10.56
N GLY A 100 -7.14 1.65 -10.36
CA GLY A 100 -7.32 0.85 -9.17
C GLY A 100 -6.25 -0.23 -9.09
N GLU A 101 -5.93 -0.80 -10.25
CA GLU A 101 -4.89 -1.82 -10.35
C GLU A 101 -3.54 -1.22 -9.97
N LYS A 102 -3.33 0.03 -10.37
CA LYS A 102 -2.09 0.75 -10.11
C LYS A 102 -1.89 1.03 -8.63
N LEU A 103 -2.98 1.38 -7.95
CA LEU A 103 -2.92 1.70 -6.53
C LEU A 103 -2.60 0.46 -5.71
N TYR A 104 -3.18 -0.66 -6.11
CA TYR A 104 -2.97 -1.92 -5.40
C TYR A 104 -1.50 -2.35 -5.50
N GLU A 105 -0.91 -2.15 -6.66
CA GLU A 105 0.47 -2.58 -6.89
C GLU A 105 1.46 -1.74 -6.10
N GLU A 106 1.22 -0.43 -6.04
CA GLU A 106 2.10 0.49 -5.33
C GLU A 106 1.98 0.34 -3.81
N ILE A 107 0.76 0.35 -3.31
CA ILE A 107 0.54 0.20 -1.88
C ILE A 107 0.91 -1.22 -1.45
N GLY A 108 0.52 -2.20 -2.24
CA GLY A 108 0.80 -3.59 -1.92
C GLY A 108 2.28 -3.84 -1.80
N GLU A 109 3.08 -3.22 -2.68
CA GLU A 109 4.53 -3.35 -2.59
C GLU A 109 5.07 -2.75 -1.31
N GLU A 110 4.58 -1.57 -0.96
CA GLU A 110 5.01 -0.89 0.24
C GLU A 110 4.57 -1.67 1.48
N VAL A 111 3.35 -2.21 1.41
CA VAL A 111 2.79 -3.02 2.48
C VAL A 111 3.57 -4.32 2.67
N ASP A 112 3.92 -4.97 1.57
CA ASP A 112 4.69 -6.21 1.62
C ASP A 112 6.05 -5.99 2.29
N GLU A 113 6.65 -4.83 2.03
CA GLU A 113 7.94 -4.49 2.65
C GLU A 113 7.78 -4.38 4.16
N ARG A 114 6.61 -3.95 4.60
CA ARG A 114 6.33 -3.88 6.03
C ARG A 114 6.12 -5.29 6.56
N TYR A 115 5.45 -6.12 5.77
CA TYR A 115 5.26 -7.53 6.12
C TYR A 115 6.61 -8.21 6.21
N ASP A 116 7.51 -7.83 5.30
CA ASP A 116 8.86 -8.40 5.25
C ASP A 116 9.64 -8.10 6.53
N ALA A 117 9.44 -6.91 7.08
CA ALA A 117 10.14 -6.50 8.29
C ALA A 117 9.65 -7.28 9.51
N ILE A 118 8.35 -7.55 9.54
CA ILE A 118 7.75 -8.31 10.64
C ILE A 118 8.12 -9.78 10.57
N GLU A 119 8.03 -10.30 9.36
CA GLU A 119 8.31 -11.69 9.05
C GLU A 119 9.79 -12.01 9.28
N GLU A 120 10.63 -10.99 9.17
CA GLU A 120 12.06 -11.13 9.41
C GLU A 120 12.36 -11.50 10.86
N VAL A 121 11.52 -11.03 11.78
CA VAL A 121 11.74 -11.27 13.20
C VAL A 121 10.95 -12.50 13.67
N LEU A 122 9.69 -12.56 13.27
CA LEU A 122 8.80 -13.63 13.71
C LEU A 122 9.19 -15.01 13.18
N GLY A 123 9.61 -15.05 11.92
CA GLY A 123 9.93 -16.33 11.31
C GLY A 123 8.91 -16.68 10.24
N ARG A 124 9.40 -17.14 9.09
CA ARG A 124 8.51 -17.50 7.99
C ARG A 124 7.48 -18.55 8.41
N GLU A 125 7.92 -19.50 9.22
CA GLU A 125 7.07 -20.60 9.64
C GLU A 125 6.00 -20.14 10.62
N LYS A 126 6.38 -19.32 11.60
CA LYS A 126 5.41 -18.81 12.56
C LYS A 126 4.39 -17.87 11.90
N MET A 127 4.86 -17.09 10.93
CA MET A 127 3.98 -16.17 10.21
C MET A 127 2.89 -16.92 9.44
N LEU A 128 3.28 -17.99 8.78
CA LEU A 128 2.36 -18.79 7.99
C LEU A 128 1.34 -19.51 8.87
N LEU A 129 1.80 -20.00 10.01
CA LEU A 129 0.92 -20.69 10.94
C LEU A 129 -0.15 -19.76 11.50
N LEU A 130 0.25 -18.53 11.79
CA LEU A 130 -0.67 -17.52 12.31
C LEU A 130 -1.79 -17.26 11.31
N LYS A 131 -1.43 -17.19 10.04
CA LYS A 131 -2.40 -16.99 8.96
C LYS A 131 -3.43 -18.12 8.96
N ASP A 132 -2.96 -19.35 9.10
CA ASP A 132 -3.83 -20.51 9.10
C ASP A 132 -4.76 -20.50 10.31
N LEU A 133 -4.21 -20.20 11.49
CA LEU A 133 -5.00 -20.20 12.71
C LEU A 133 -6.06 -19.10 12.67
N LEU A 134 -5.70 -17.96 12.09
CA LEU A 134 -6.65 -16.85 11.94
C LEU A 134 -7.75 -17.23 10.97
N ALA A 135 -7.40 -18.02 9.96
CA ALA A 135 -8.35 -18.47 8.96
C ALA A 135 -9.33 -19.48 9.55
N GLU A 136 -8.84 -20.35 10.43
CA GLU A 136 -9.71 -21.32 11.08
C GLU A 136 -10.68 -20.62 12.00
N LEU A 137 -10.18 -19.62 12.72
CA LEU A 137 -10.99 -18.87 13.66
C LEU A 137 -12.09 -18.08 12.95
N ALA A 138 -11.78 -17.54 11.77
CA ALA A 138 -12.78 -16.79 11.03
C ALA A 138 -13.86 -17.73 10.55
N LYS A 139 -13.45 -18.93 10.17
CA LYS A 139 -14.34 -19.96 9.66
C LYS A 139 -15.02 -20.75 10.78
N ILE A 140 -14.95 -20.26 12.02
CA ILE A 140 -15.40 -21.06 13.15
C ILE A 140 -16.91 -21.19 13.27
N GLU A 141 -17.65 -20.57 12.37
CA GLU A 141 -19.09 -20.75 12.39
C GLU A 141 -19.37 -22.09 11.75
N ASP A 142 -18.89 -22.25 10.53
CA ASP A 142 -18.90 -23.53 9.78
C ASP A 142 -18.77 -24.79 10.63
N ALA A 143 -17.96 -24.70 11.68
CA ALA A 143 -17.64 -25.83 12.54
C ALA A 143 -18.40 -25.86 13.87
N LEU A 144 -19.13 -24.79 14.17
CA LEU A 144 -19.82 -24.67 15.45
C LEU A 144 -21.13 -25.45 15.52
N ASN A 145 -21.28 -26.21 16.60
CA ASN A 145 -22.41 -27.11 16.81
C ASN A 145 -23.57 -26.48 17.56
N SER A 146 -23.38 -25.24 17.97
CA SER A 146 -24.40 -24.52 18.73
C SER A 146 -24.50 -23.08 18.24
N ALA B 8 -5.73 -13.69 2.39
CA ALA B 8 -4.36 -14.17 2.34
C ALA B 8 -3.44 -13.31 3.19
N SER B 9 -3.85 -12.07 3.43
CA SER B 9 -3.05 -11.14 4.21
C SER B 9 -3.25 -11.29 5.71
N ILE B 10 -2.34 -10.70 6.49
CA ILE B 10 -2.45 -10.73 7.94
C ILE B 10 -3.46 -9.69 8.40
N ASN B 11 -3.42 -8.52 7.74
CA ASN B 11 -4.38 -7.46 8.00
C ASN B 11 -5.81 -7.91 7.89
N ILE B 12 -6.15 -8.54 6.78
CA ILE B 12 -7.51 -9.01 6.54
C ILE B 12 -7.83 -10.22 7.40
N GLY B 13 -6.85 -11.11 7.54
CA GLY B 13 -7.02 -12.29 8.37
C GLY B 13 -7.31 -11.96 9.82
N LEU B 14 -6.66 -10.90 10.31
CA LEU B 14 -6.88 -10.44 11.68
C LEU B 14 -8.30 -9.92 11.91
N ILE B 15 -8.81 -9.14 10.98
CA ILE B 15 -10.12 -8.53 11.16
C ILE B 15 -11.25 -9.54 10.93
N GLN B 16 -11.01 -10.53 10.06
CA GLN B 16 -12.01 -11.56 9.79
C GLN B 16 -12.15 -12.51 10.97
N ALA B 17 -11.03 -12.81 11.62
CA ALA B 17 -11.02 -13.69 12.78
C ALA B 17 -11.77 -13.04 13.94
N ARG B 18 -11.53 -11.75 14.14
CA ARG B 18 -12.14 -11.02 15.24
C ARG B 18 -13.63 -10.80 14.98
N GLU B 19 -13.98 -10.64 13.71
CA GLU B 19 -15.36 -10.45 13.32
C GLU B 19 -16.17 -11.70 13.63
N ALA B 20 -15.59 -12.87 13.36
CA ALA B 20 -16.26 -14.13 13.65
C ALA B 20 -16.43 -14.29 15.14
N LEU B 21 -15.49 -13.72 15.91
CA LEU B 21 -15.55 -13.80 17.34
C LEU B 21 -16.61 -12.83 17.88
N MET B 22 -16.71 -11.67 17.25
CA MET B 22 -17.68 -10.67 17.68
C MET B 22 -19.08 -11.11 17.31
N THR B 23 -19.19 -11.89 16.24
CA THR B 23 -20.47 -12.40 15.77
C THR B 23 -21.07 -13.32 16.83
N GLN B 24 -20.20 -13.98 17.58
CA GLN B 24 -20.65 -14.90 18.62
C GLN B 24 -20.91 -14.18 19.94
N PHE B 25 -20.42 -12.94 20.06
CA PHE B 25 -20.53 -12.20 21.32
C PHE B 25 -21.61 -11.14 21.30
N ARG B 26 -21.96 -10.66 20.12
CA ARG B 26 -22.94 -9.59 19.98
C ARG B 26 -24.31 -9.88 20.61
N PRO B 27 -24.84 -11.10 20.44
CA PRO B 27 -26.12 -11.34 21.12
C PRO B 27 -26.01 -11.16 22.64
N ILE B 28 -24.87 -11.54 23.20
CA ILE B 28 -24.65 -11.38 24.63
C ILE B 28 -24.49 -9.92 25.03
N LEU B 29 -23.64 -9.19 24.31
CA LEU B 29 -23.33 -7.80 24.62
C LEU B 29 -24.53 -6.89 24.44
N ASN B 30 -25.41 -7.27 23.51
CA ASN B 30 -26.61 -6.51 23.23
C ASN B 30 -27.63 -6.59 24.36
N GLN B 31 -27.48 -7.57 25.25
CA GLN B 31 -28.41 -7.70 26.35
C GLN B 31 -28.31 -6.51 27.30
N ALA B 32 -27.10 -5.98 27.51
CA ALA B 32 -26.96 -4.74 28.25
C ALA B 32 -26.52 -3.59 27.36
N ASN B 33 -27.17 -3.45 26.20
CA ASN B 33 -26.82 -2.44 25.19
C ASN B 33 -25.36 -1.97 25.16
N ILE B 34 -24.42 -2.91 25.26
CA ILE B 34 -23.00 -2.59 25.25
C ILE B 34 -22.43 -2.78 23.86
N THR B 35 -21.58 -1.84 23.43
CA THR B 35 -20.92 -1.92 22.13
C THR B 35 -19.59 -2.65 22.21
N ASP B 36 -19.01 -2.92 21.05
CA ASP B 36 -17.73 -3.58 20.93
C ASP B 36 -16.65 -2.86 21.74
N GLN B 37 -16.48 -1.57 21.47
CA GLN B 37 -15.46 -0.77 22.15
C GLN B 37 -15.73 -0.69 23.65
N GLN B 38 -17.00 -0.54 24.02
CA GLN B 38 -17.36 -0.46 25.42
C GLN B 38 -17.02 -1.75 26.17
N TRP B 39 -17.24 -2.89 25.55
CA TRP B 39 -16.92 -4.16 26.17
C TRP B 39 -15.42 -4.31 26.40
N ARG B 40 -14.63 -3.85 25.45
CA ARG B 40 -13.17 -3.86 25.60
C ARG B 40 -12.76 -3.03 26.82
N ILE B 41 -13.38 -1.87 26.98
CA ILE B 41 -13.09 -1.00 28.13
C ILE B 41 -13.53 -1.65 29.44
N ILE B 42 -14.74 -2.20 29.45
CA ILE B 42 -15.29 -2.81 30.64
C ILE B 42 -14.47 -4.01 31.09
N ARG B 43 -14.07 -4.87 30.16
CA ARG B 43 -13.29 -6.04 30.52
C ARG B 43 -11.89 -5.66 31.02
N LEU B 44 -11.28 -4.68 30.36
CA LEU B 44 -9.95 -4.24 30.78
C LEU B 44 -9.97 -3.59 32.16
N LEU B 45 -10.99 -2.78 32.42
CA LEU B 45 -11.12 -2.11 33.72
C LEU B 45 -11.44 -3.09 34.84
N ALA B 46 -12.01 -4.25 34.49
CA ALA B 46 -12.36 -5.25 35.49
C ALA B 46 -11.17 -6.14 35.79
N GLU B 47 -10.42 -6.47 34.74
CA GLU B 47 -9.27 -7.35 34.88
C GLU B 47 -8.08 -6.63 35.53
N ASN B 48 -8.04 -5.30 35.40
CA ASN B 48 -6.97 -4.51 36.01
C ASN B 48 -7.37 -3.74 37.26
N GLY B 49 -8.66 -3.60 37.50
CA GLY B 49 -9.13 -2.85 38.64
C GLY B 49 -9.21 -1.38 38.28
N THR B 50 -8.06 -0.79 37.97
CA THR B 50 -8.03 0.60 37.51
C THR B 50 -6.98 0.82 36.42
N LEU B 51 -7.27 1.76 35.52
CA LEU B 51 -6.40 2.09 34.40
C LEU B 51 -6.45 3.60 34.15
N ASP B 52 -5.32 4.23 33.81
CA ASP B 52 -5.38 5.65 33.47
C ASP B 52 -5.85 5.81 32.03
N PHE B 53 -6.19 7.04 31.65
CA PHE B 53 -6.74 7.33 30.33
C PHE B 53 -5.84 6.86 29.19
N GLN B 54 -4.58 7.24 29.24
CA GLN B 54 -3.63 6.90 28.18
C GLN B 54 -3.46 5.40 28.07
N ASP B 55 -3.27 4.76 29.22
CA ASP B 55 -3.05 3.32 29.27
C ASP B 55 -4.27 2.54 28.77
N LEU B 56 -5.47 3.04 29.08
CA LEU B 56 -6.70 2.40 28.64
C LEU B 56 -6.86 2.50 27.12
N ALA B 57 -6.51 3.65 26.58
CA ALA B 57 -6.63 3.90 25.14
C ALA B 57 -5.76 2.94 24.34
N ASN B 58 -4.52 2.75 24.81
CA ASN B 58 -3.57 1.88 24.12
C ASN B 58 -4.03 0.43 24.10
N GLN B 59 -4.56 -0.03 25.23
CA GLN B 59 -4.95 -1.43 25.37
C GLN B 59 -6.32 -1.71 24.74
N ALA B 60 -7.23 -0.75 24.80
CA ALA B 60 -8.54 -0.92 24.19
C ALA B 60 -8.47 -0.64 22.70
N CYS B 61 -7.33 -0.08 22.27
CA CYS B 61 -7.12 0.33 20.88
C CYS B 61 -8.23 1.24 20.41
N ILE B 62 -8.42 2.32 21.15
CA ILE B 62 -9.39 3.35 20.81
C ILE B 62 -8.66 4.69 20.73
N LEU B 63 -8.92 5.47 19.68
CA LEU B 63 -8.30 6.78 19.57
C LEU B 63 -8.68 7.63 20.78
N ARG B 64 -7.69 8.34 21.32
CA ARG B 64 -7.88 9.13 22.53
C ARG B 64 -9.02 10.17 22.44
N PRO B 65 -9.11 10.92 21.33
CA PRO B 65 -10.27 11.84 21.26
C PRO B 65 -11.60 11.09 21.25
N SER B 66 -11.63 9.91 20.62
CA SER B 66 -12.85 9.10 20.57
C SER B 66 -13.16 8.48 21.92
N LEU B 67 -12.13 8.10 22.65
CA LEU B 67 -12.29 7.43 23.93
C LEU B 67 -12.99 8.32 24.96
N THR B 68 -12.69 9.61 24.91
CA THR B 68 -13.29 10.58 25.83
C THR B 68 -14.81 10.52 25.76
N GLY B 69 -15.35 10.55 24.56
CA GLY B 69 -16.79 10.48 24.37
C GLY B 69 -17.36 9.17 24.86
N ILE B 70 -16.65 8.08 24.57
CA ILE B 70 -17.08 6.75 24.99
C ILE B 70 -17.08 6.63 26.51
N LEU B 71 -16.05 7.16 27.15
CA LEU B 71 -15.93 7.13 28.60
C LEU B 71 -17.06 7.92 29.27
N THR B 72 -17.37 9.07 28.70
CA THR B 72 -18.41 9.93 29.21
C THR B 72 -19.74 9.19 29.21
N ARG B 73 -19.99 8.44 28.15
CA ARG B 73 -21.23 7.70 28.02
C ARG B 73 -21.33 6.60 29.08
N LEU B 74 -20.21 5.93 29.34
CA LEU B 74 -20.16 4.87 30.34
C LEU B 74 -20.35 5.41 31.76
N GLU B 75 -19.97 6.67 31.96
CA GLU B 75 -20.13 7.29 33.28
C GLU B 75 -21.57 7.74 33.49
N LYS B 76 -22.20 8.23 32.43
CA LYS B 76 -23.61 8.57 32.45
C LYS B 76 -24.45 7.32 32.71
N ALA B 77 -23.98 6.18 32.22
CA ALA B 77 -24.68 4.91 32.40
C ALA B 77 -24.34 4.24 33.73
N GLY B 78 -23.48 4.90 34.51
CA GLY B 78 -23.11 4.41 35.83
C GLY B 78 -22.34 3.11 35.81
N LEU B 79 -21.56 2.90 34.76
CA LEU B 79 -20.75 1.69 34.64
C LEU B 79 -19.29 1.98 34.92
N VAL B 80 -18.87 3.21 34.62
CA VAL B 80 -17.50 3.65 34.83
C VAL B 80 -17.49 4.96 35.60
N VAL B 81 -16.47 5.17 36.43
CA VAL B 81 -16.34 6.39 37.23
C VAL B 81 -14.90 6.86 37.20
N ARG B 82 -14.70 8.17 37.12
CA ARG B 82 -13.34 8.72 37.11
C ARG B 82 -12.83 8.79 38.55
N LEU B 83 -11.51 8.64 38.70
CA LEU B 83 -10.90 8.65 40.02
C LEU B 83 -10.15 9.95 40.28
N ARG B 91 -2.70 12.83 36.86
CA ARG B 91 -3.23 11.92 35.85
C ARG B 91 -4.72 11.66 36.02
N VAL B 92 -5.28 10.88 35.10
CA VAL B 92 -6.71 10.58 35.11
C VAL B 92 -6.95 9.08 35.09
N PHE B 93 -7.52 8.55 36.17
CA PHE B 93 -7.73 7.11 36.27
C PHE B 93 -9.21 6.74 36.19
N LEU B 94 -9.48 5.58 35.62
CA LEU B 94 -10.85 5.10 35.43
C LEU B 94 -11.10 3.80 36.20
N LYS B 95 -12.33 3.62 36.64
CA LYS B 95 -12.70 2.45 37.41
C LYS B 95 -14.15 2.05 37.14
N LEU B 96 -14.44 0.76 37.24
CA LEU B 96 -15.82 0.30 37.13
C LEU B 96 -16.58 0.65 38.40
N THR B 97 -17.87 0.94 38.25
CA THR B 97 -18.74 1.16 39.41
C THR B 97 -19.23 -0.18 39.95
N ALA B 98 -20.07 -0.13 40.97
CA ALA B 98 -20.69 -1.36 41.49
C ALA B 98 -21.48 -2.02 40.36
N GLU B 99 -22.17 -1.20 39.57
CA GLU B 99 -22.93 -1.69 38.42
C GLU B 99 -22.02 -2.28 37.35
N GLY B 100 -20.87 -1.65 37.11
CA GLY B 100 -19.92 -2.16 36.15
C GLY B 100 -19.33 -3.51 36.49
N GLU B 101 -18.98 -3.68 37.76
CA GLU B 101 -18.41 -4.95 38.23
C GLU B 101 -19.41 -6.08 38.11
N LYS B 102 -20.66 -5.79 38.47
CA LYS B 102 -21.72 -6.79 38.43
C LYS B 102 -22.10 -7.11 36.99
N LEU B 103 -22.08 -6.08 36.14
CA LEU B 103 -22.40 -6.27 34.73
C LEU B 103 -21.34 -7.11 34.03
N TYR B 104 -20.08 -6.86 34.37
CA TYR B 104 -18.98 -7.59 33.75
C TYR B 104 -19.04 -9.08 34.10
N GLU B 105 -19.40 -9.39 35.34
CA GLU B 105 -19.42 -10.79 35.77
C GLU B 105 -20.50 -11.59 35.06
N GLU B 106 -21.67 -10.98 34.85
CA GLU B 106 -22.75 -11.66 34.17
C GLU B 106 -22.44 -11.82 32.69
N ILE B 107 -22.06 -10.72 32.05
CA ILE B 107 -21.74 -10.74 30.63
C ILE B 107 -20.49 -11.53 30.34
N GLY B 108 -19.47 -11.33 31.17
CA GLY B 108 -18.21 -12.03 31.00
C GLY B 108 -18.33 -13.53 31.07
N GLU B 109 -19.15 -14.03 32.00
CA GLU B 109 -19.33 -15.48 32.12
C GLU B 109 -20.02 -16.02 30.86
N GLU B 110 -21.00 -15.29 30.35
CA GLU B 110 -21.67 -15.70 29.11
C GLU B 110 -20.69 -15.65 27.93
N VAL B 111 -19.86 -14.61 27.91
CA VAL B 111 -18.86 -14.48 26.85
C VAL B 111 -17.83 -15.59 26.96
N ASP B 112 -17.36 -15.84 28.19
CA ASP B 112 -16.39 -16.89 28.43
C ASP B 112 -16.94 -18.27 28.06
N GLU B 113 -18.22 -18.48 28.34
CA GLU B 113 -18.86 -19.75 28.02
C GLU B 113 -18.90 -19.96 26.52
N ARG B 114 -19.05 -18.87 25.77
CA ARG B 114 -19.07 -18.96 24.33
C ARG B 114 -17.66 -19.21 23.82
N TYR B 115 -16.68 -18.60 24.49
CA TYR B 115 -15.27 -18.82 24.17
C TYR B 115 -14.87 -20.28 24.34
N ASP B 116 -15.39 -20.94 25.36
CA ASP B 116 -15.09 -22.35 25.60
C ASP B 116 -15.58 -23.21 24.45
N ALA B 117 -16.73 -22.84 23.87
CA ALA B 117 -17.30 -23.59 22.77
C ALA B 117 -16.43 -23.47 21.52
N ILE B 118 -15.83 -22.30 21.34
CA ILE B 118 -14.96 -22.07 20.20
C ILE B 118 -13.66 -22.84 20.41
N GLU B 119 -13.13 -22.78 21.63
CA GLU B 119 -11.89 -23.46 21.96
C GLU B 119 -12.07 -24.97 21.88
N GLU B 120 -13.28 -25.44 22.14
CA GLU B 120 -13.59 -26.86 22.07
C GLU B 120 -13.52 -27.34 20.62
N VAL B 121 -13.80 -26.44 19.69
CA VAL B 121 -13.82 -26.77 18.26
C VAL B 121 -12.45 -26.51 17.64
N LEU B 122 -11.89 -25.35 17.93
CA LEU B 122 -10.59 -24.98 17.39
C LEU B 122 -9.51 -25.86 18.02
N GLY B 123 -9.66 -26.15 19.30
CA GLY B 123 -8.66 -26.92 20.02
C GLY B 123 -7.96 -26.13 21.12
N ARG B 124 -7.85 -26.74 22.29
CA ARG B 124 -7.24 -26.13 23.47
C ARG B 124 -5.82 -25.68 23.15
N GLU B 125 -5.13 -26.51 22.40
CA GLU B 125 -3.75 -26.26 22.03
C GLU B 125 -3.59 -25.18 20.97
N LYS B 126 -4.36 -25.24 19.90
CA LYS B 126 -4.26 -24.25 18.85
C LYS B 126 -4.69 -22.87 19.31
N MET B 127 -5.70 -22.82 20.17
CA MET B 127 -6.16 -21.55 20.69
C MET B 127 -5.06 -20.85 21.50
N LEU B 128 -4.38 -21.60 22.36
CA LEU B 128 -3.30 -21.04 23.18
C LEU B 128 -2.13 -20.63 22.30
N LEU B 129 -1.84 -21.43 21.28
CA LEU B 129 -0.76 -21.11 20.37
C LEU B 129 -1.10 -19.82 19.62
N LEU B 130 -2.38 -19.65 19.27
CA LEU B 130 -2.86 -18.45 18.60
C LEU B 130 -2.65 -17.22 19.48
N LYS B 131 -2.95 -17.34 20.77
CA LYS B 131 -2.74 -16.25 21.71
C LYS B 131 -1.27 -15.84 21.76
N ASP B 132 -0.39 -16.85 21.81
CA ASP B 132 1.04 -16.61 21.88
C ASP B 132 1.56 -15.91 20.63
N LEU B 133 1.13 -16.38 19.46
CA LEU B 133 1.58 -15.81 18.20
C LEU B 133 1.13 -14.36 18.06
N LEU B 134 -0.09 -14.07 18.52
CA LEU B 134 -0.61 -12.72 18.47
C LEU B 134 0.18 -11.79 19.39
N ALA B 135 0.62 -12.34 20.52
CA ALA B 135 1.41 -11.56 21.45
C ALA B 135 2.79 -11.30 20.86
N GLU B 136 3.34 -12.30 20.19
CA GLU B 136 4.64 -12.16 19.54
C GLU B 136 4.53 -11.15 18.40
N LEU B 137 3.42 -11.21 17.67
CA LEU B 137 3.19 -10.31 16.55
C LEU B 137 3.07 -8.87 17.06
N ALA B 138 2.42 -8.72 18.21
CA ALA B 138 2.25 -7.42 18.83
C ALA B 138 3.59 -6.87 19.32
N LYS B 139 4.47 -7.76 19.76
CA LYS B 139 5.75 -7.36 20.33
C LYS B 139 6.73 -6.95 19.24
N ILE B 140 6.62 -7.59 18.08
CA ILE B 140 7.50 -7.32 16.96
C ILE B 140 7.07 -6.05 16.23
N GLU B 141 5.76 -5.82 16.19
CA GLU B 141 5.20 -4.64 15.55
C GLU B 141 5.49 -3.41 16.39
N ASP B 142 5.15 -3.46 17.68
CA ASP B 142 5.49 -2.40 18.63
C ASP B 142 6.95 -1.97 18.58
N ALA B 143 7.85 -2.84 18.13
CA ALA B 143 9.26 -2.50 18.14
C ALA B 143 9.63 -1.88 16.81
N LEU B 144 8.74 -2.03 15.85
CA LEU B 144 8.90 -1.41 14.54
C LEU B 144 8.27 -0.02 14.58
N ASN B 145 7.32 0.16 15.49
CA ASN B 145 6.57 1.42 15.60
C ASN B 145 7.17 2.39 16.59
N SER B 146 8.22 1.97 17.27
CA SER B 146 8.87 2.79 18.28
C SER B 146 10.39 2.69 18.21
N SER C 5 16.80 -14.31 -24.53
CA SER C 5 15.51 -13.82 -25.00
C SER C 5 15.63 -13.17 -26.37
N LYS C 6 14.61 -12.41 -26.75
CA LYS C 6 14.55 -11.85 -28.10
C LYS C 6 14.77 -10.34 -28.12
N HIS C 7 13.90 -9.59 -27.43
CA HIS C 7 13.98 -8.14 -27.44
C HIS C 7 14.26 -7.56 -26.06
N ALA C 8 14.91 -6.40 -26.02
CA ALA C 8 15.29 -5.76 -24.76
C ALA C 8 14.08 -5.26 -23.97
N SER C 9 14.29 -4.96 -22.70
CA SER C 9 13.20 -4.52 -21.83
C SER C 9 12.93 -3.03 -21.94
N ILE C 10 11.69 -2.70 -22.31
CA ILE C 10 11.27 -1.31 -22.39
C ILE C 10 10.94 -0.81 -20.99
N ASN C 11 10.32 -1.68 -20.21
CA ASN C 11 10.01 -1.39 -18.81
C ASN C 11 11.26 -0.97 -18.03
N ILE C 12 12.31 -1.76 -18.13
CA ILE C 12 13.55 -1.48 -17.40
C ILE C 12 14.29 -0.29 -18.01
N GLY C 13 14.32 -0.21 -19.34
CA GLY C 13 14.96 0.90 -20.03
C GLY C 13 14.35 2.25 -19.69
N LEU C 14 13.03 2.30 -19.57
CA LEU C 14 12.34 3.53 -19.23
C LEU C 14 12.66 4.00 -17.81
N ILE C 15 12.65 3.07 -16.87
CA ILE C 15 12.84 3.42 -15.47
C ILE C 15 14.30 3.76 -15.15
N GLN C 16 15.23 3.15 -15.88
CA GLN C 16 16.64 3.44 -15.68
C GLN C 16 17.00 4.82 -16.22
N ALA C 17 16.37 5.21 -17.32
CA ALA C 17 16.57 6.51 -17.91
C ALA C 17 16.07 7.61 -17.00
N ARG C 18 14.90 7.39 -16.39
CA ARG C 18 14.30 8.37 -15.52
C ARG C 18 15.01 8.52 -14.18
N GLU C 19 15.51 7.41 -13.65
CA GLU C 19 16.18 7.42 -12.36
C GLU C 19 17.47 8.23 -12.47
N ALA C 20 18.18 8.06 -13.58
CA ALA C 20 19.40 8.81 -13.82
C ALA C 20 19.09 10.30 -13.98
N LEU C 21 17.91 10.59 -14.50
CA LEU C 21 17.47 11.97 -14.68
C LEU C 21 17.05 12.59 -13.35
N MET C 22 16.43 11.79 -12.49
CA MET C 22 15.95 12.26 -11.21
C MET C 22 17.11 12.47 -10.25
N THR C 23 18.18 11.72 -10.46
CA THR C 23 19.37 11.83 -9.64
C THR C 23 19.97 13.23 -9.80
N GLN C 24 19.76 13.82 -10.97
CA GLN C 24 20.29 15.15 -11.24
C GLN C 24 19.35 16.25 -10.73
N PHE C 25 18.10 15.89 -10.46
CA PHE C 25 17.11 16.87 -10.03
C PHE C 25 16.76 16.83 -8.54
N ARG C 26 16.94 15.67 -7.89
CA ARG C 26 16.57 15.54 -6.47
C ARG C 26 17.29 16.51 -5.53
N PRO C 27 18.61 16.73 -5.71
CA PRO C 27 19.22 17.70 -4.80
C PRO C 27 18.60 19.09 -4.89
N ILE C 28 18.17 19.47 -6.10
CA ILE C 28 17.53 20.77 -6.28
C ILE C 28 16.18 20.79 -5.59
N LEU C 29 15.39 19.75 -5.82
CA LEU C 29 14.07 19.66 -5.23
C LEU C 29 14.10 19.49 -3.71
N ASN C 30 15.11 18.80 -3.20
CA ASN C 30 15.23 18.60 -1.75
C ASN C 30 15.71 19.84 -0.99
N GLN C 31 16.44 20.73 -1.64
CA GLN C 31 16.89 21.97 -1.00
C GLN C 31 15.69 22.86 -0.75
N ALA C 32 14.67 22.68 -1.59
CA ALA C 32 13.39 23.32 -1.36
C ALA C 32 12.54 22.22 -0.74
N ASN C 33 11.35 22.54 -0.26
CA ASN C 33 10.55 21.50 0.37
C ASN C 33 9.63 20.87 -0.68
N ILE C 34 10.15 20.70 -1.89
CA ILE C 34 9.37 20.15 -2.99
C ILE C 34 9.70 18.69 -3.30
N THR C 35 8.67 17.90 -3.55
CA THR C 35 8.85 16.51 -3.99
C THR C 35 8.81 16.44 -5.52
N ASP C 36 9.14 15.28 -6.07
CA ASP C 36 9.07 15.07 -7.51
C ASP C 36 7.66 15.36 -8.03
N GLN C 37 6.67 14.73 -7.42
CA GLN C 37 5.28 14.88 -7.84
C GLN C 37 4.80 16.31 -7.72
N GLN C 38 5.22 16.98 -6.65
CA GLN C 38 4.85 18.38 -6.44
C GLN C 38 5.41 19.25 -7.57
N TRP C 39 6.65 18.98 -7.95
CA TRP C 39 7.30 19.71 -9.01
C TRP C 39 6.61 19.46 -10.35
N ARG C 40 6.19 18.22 -10.58
CA ARG C 40 5.47 17.83 -11.79
C ARG C 40 4.20 18.66 -11.96
N ILE C 41 3.49 18.83 -10.85
CA ILE C 41 2.27 19.62 -10.82
C ILE C 41 2.56 21.09 -11.11
N ILE C 42 3.61 21.61 -10.49
CA ILE C 42 3.98 23.01 -10.64
C ILE C 42 4.32 23.34 -12.10
N ARG C 43 5.09 22.48 -12.75
CA ARG C 43 5.43 22.70 -14.16
C ARG C 43 4.21 22.62 -15.07
N LEU C 44 3.35 21.64 -14.84
CA LEU C 44 2.15 21.47 -15.66
C LEU C 44 1.23 22.67 -15.51
N LEU C 45 1.12 23.19 -14.28
CA LEU C 45 0.28 24.34 -14.02
C LEU C 45 0.86 25.60 -14.67
N ALA C 46 2.16 25.56 -14.94
CA ALA C 46 2.84 26.68 -15.56
C ALA C 46 2.76 26.64 -17.07
N GLU C 47 2.91 25.46 -17.64
CA GLU C 47 2.91 25.30 -19.10
C GLU C 47 1.51 25.43 -19.70
N ASN C 48 0.48 25.14 -18.90
CA ASN C 48 -0.89 25.31 -19.35
C ASN C 48 -1.62 26.51 -18.74
N GLY C 49 -1.02 27.13 -17.74
CA GLY C 49 -1.65 28.27 -17.09
C GLY C 49 -2.63 27.79 -16.04
N THR C 50 -3.67 27.09 -16.48
CA THR C 50 -4.62 26.50 -15.55
C THR C 50 -5.08 25.12 -16.03
N LEU C 51 -5.38 24.24 -15.08
CA LEU C 51 -5.82 22.88 -15.38
C LEU C 51 -6.86 22.43 -14.37
N ASP C 52 -7.87 21.67 -14.81
CA ASP C 52 -8.83 21.11 -13.88
C ASP C 52 -8.25 19.85 -13.23
N PHE C 53 -8.92 19.36 -12.20
CA PHE C 53 -8.44 18.24 -11.39
C PHE C 53 -8.16 16.97 -12.18
N GLN C 54 -9.12 16.53 -12.98
CA GLN C 54 -8.99 15.29 -13.75
C GLN C 54 -7.85 15.38 -14.75
N ASP C 55 -7.81 16.48 -15.50
CA ASP C 55 -6.78 16.68 -16.51
C ASP C 55 -5.39 16.72 -15.88
N LEU C 56 -5.30 17.32 -14.69
CA LEU C 56 -4.04 17.39 -13.96
C LEU C 56 -3.58 16.01 -13.51
N ALA C 57 -4.52 15.19 -13.06
CA ALA C 57 -4.21 13.84 -12.60
C ALA C 57 -3.64 12.98 -13.71
N ASN C 58 -4.26 13.05 -14.89
CA ASN C 58 -3.84 12.24 -16.03
C ASN C 58 -2.44 12.59 -16.53
N GLN C 59 -2.14 13.89 -16.58
CA GLN C 59 -0.87 14.37 -17.13
C GLN C 59 0.29 14.22 -16.14
N ALA C 60 0.00 14.41 -14.86
CA ALA C 60 1.03 14.26 -13.83
C ALA C 60 1.20 12.79 -13.48
N CYS C 61 0.26 11.97 -13.97
CA CYS C 61 0.21 10.54 -13.64
C CYS C 61 0.15 10.35 -12.13
N ILE C 62 -0.81 11.04 -11.50
CA ILE C 62 -1.03 10.92 -10.07
C ILE C 62 -2.48 10.50 -9.85
N LEU C 63 -2.68 9.48 -9.03
CA LEU C 63 -4.01 9.01 -8.69
C LEU C 63 -4.80 10.11 -7.99
N ARG C 64 -6.09 10.18 -8.31
CA ARG C 64 -6.95 11.24 -7.80
C ARG C 64 -6.94 11.39 -6.28
N PRO C 65 -7.01 10.27 -5.52
CA PRO C 65 -6.95 10.49 -4.07
C PRO C 65 -5.62 11.08 -3.63
N SER C 66 -4.55 10.64 -4.27
CA SER C 66 -3.21 11.13 -3.91
C SER C 66 -3.05 12.57 -4.36
N LEU C 67 -3.62 12.90 -5.52
CA LEU C 67 -3.51 14.24 -6.06
C LEU C 67 -4.20 15.24 -5.13
N THR C 68 -5.36 14.85 -4.61
CA THR C 68 -6.12 15.67 -3.69
C THR C 68 -5.31 16.06 -2.46
N GLY C 69 -4.67 15.07 -1.85
CA GLY C 69 -3.84 15.30 -0.69
C GLY C 69 -2.64 16.20 -0.95
N ILE C 70 -1.97 15.98 -2.09
CA ILE C 70 -0.83 16.82 -2.46
C ILE C 70 -1.28 18.25 -2.69
N LEU C 71 -2.41 18.42 -3.37
CA LEU C 71 -2.94 19.74 -3.66
C LEU C 71 -3.26 20.50 -2.38
N THR C 72 -3.81 19.80 -1.40
CA THR C 72 -4.14 20.41 -0.11
C THR C 72 -2.89 20.99 0.53
N ARG C 73 -1.78 20.25 0.43
CA ARG C 73 -0.50 20.70 0.97
C ARG C 73 0.05 21.91 0.21
N LEU C 74 -0.10 21.89 -1.11
CA LEU C 74 0.41 23.00 -1.93
C LEU C 74 -0.33 24.31 -1.68
N GLU C 75 -1.58 24.20 -1.24
CA GLU C 75 -2.40 25.36 -0.92
C GLU C 75 -2.12 25.89 0.49
N LYS C 76 -1.85 24.95 1.40
CA LYS C 76 -1.44 25.32 2.75
C LYS C 76 -0.15 26.15 2.66
N ALA C 77 0.69 25.82 1.69
CA ALA C 77 1.94 26.54 1.48
C ALA C 77 1.73 27.79 0.62
N GLY C 78 0.49 27.99 0.17
CA GLY C 78 0.15 29.16 -0.64
C GLY C 78 0.79 29.19 -2.01
N LEU C 79 0.97 28.00 -2.61
CA LEU C 79 1.58 27.90 -3.93
C LEU C 79 0.55 27.62 -5.02
N VAL C 80 -0.54 26.96 -4.64
CA VAL C 80 -1.62 26.63 -5.57
C VAL C 80 -2.94 27.10 -4.98
N VAL C 81 -3.89 27.50 -5.83
CA VAL C 81 -5.20 27.94 -5.36
C VAL C 81 -6.32 27.41 -6.26
N ARG C 82 -7.43 26.99 -5.66
CA ARG C 82 -8.57 26.53 -6.43
C ARG C 82 -9.43 27.70 -6.90
N LEU C 83 -10.11 27.52 -8.02
CA LEU C 83 -10.96 28.56 -8.60
C LEU C 83 -12.44 28.29 -8.35
N VAL C 92 -13.74 22.34 -11.41
CA VAL C 92 -12.77 22.81 -10.42
C VAL C 92 -11.37 22.87 -11.02
N PHE C 93 -10.86 24.09 -11.16
CA PHE C 93 -9.57 24.33 -11.81
C PHE C 93 -8.48 24.77 -10.84
N LEU C 94 -7.24 24.41 -11.17
CA LEU C 94 -6.08 24.75 -10.34
C LEU C 94 -5.14 25.69 -11.09
N LYS C 95 -4.49 26.58 -10.33
CA LYS C 95 -3.55 27.53 -10.91
C LYS C 95 -2.47 27.87 -9.89
N LEU C 96 -1.28 28.22 -10.36
CA LEU C 96 -0.22 28.66 -9.47
C LEU C 96 -0.56 30.04 -8.91
N THR C 97 -0.14 30.30 -7.68
CA THR C 97 -0.31 31.62 -7.10
C THR C 97 0.82 32.52 -7.59
N ALA C 98 0.82 33.78 -7.16
CA ALA C 98 1.90 34.69 -7.54
C ALA C 98 3.24 34.20 -7.02
N GLU C 99 3.25 33.73 -5.78
CA GLU C 99 4.45 33.18 -5.16
C GLU C 99 4.78 31.83 -5.78
N GLY C 100 3.74 31.07 -6.14
CA GLY C 100 3.91 29.80 -6.81
C GLY C 100 4.64 30.01 -8.12
N GLU C 101 4.31 31.10 -8.81
CA GLU C 101 4.98 31.50 -10.03
C GLU C 101 6.45 31.80 -9.74
N LYS C 102 6.69 32.41 -8.57
CA LYS C 102 8.05 32.76 -8.16
C LYS C 102 8.88 31.52 -7.88
N LEU C 103 8.26 30.54 -7.23
CA LEU C 103 8.96 29.30 -6.88
C LEU C 103 9.31 28.52 -8.14
N TYR C 104 8.38 28.50 -9.10
CA TYR C 104 8.59 27.77 -10.34
C TYR C 104 9.76 28.35 -11.12
N GLU C 105 9.83 29.68 -11.17
CA GLU C 105 10.87 30.37 -11.91
C GLU C 105 12.21 30.20 -11.19
N GLU C 106 12.17 30.23 -9.87
CA GLU C 106 13.36 30.12 -9.05
C GLU C 106 13.92 28.70 -9.09
N ILE C 107 13.06 27.71 -8.87
CA ILE C 107 13.48 26.32 -8.92
C ILE C 107 13.78 25.90 -10.36
N GLY C 108 12.93 26.36 -11.28
CA GLY C 108 13.06 26.05 -12.69
C GLY C 108 14.40 26.46 -13.28
N GLU C 109 14.92 27.59 -12.82
CA GLU C 109 16.21 28.08 -13.29
C GLU C 109 17.32 27.09 -12.94
N GLU C 110 17.27 26.56 -11.73
CA GLU C 110 18.24 25.57 -11.28
C GLU C 110 18.09 24.27 -12.05
N VAL C 111 16.84 23.90 -12.33
CA VAL C 111 16.53 22.68 -13.07
C VAL C 111 17.01 22.78 -14.53
N ASP C 112 16.76 23.92 -15.15
CA ASP C 112 17.18 24.17 -16.52
C ASP C 112 18.69 24.08 -16.66
N GLU C 113 19.42 24.50 -15.63
CA GLU C 113 20.86 24.45 -15.64
C GLU C 113 21.37 23.00 -15.75
N ARG C 114 20.62 22.07 -15.17
CA ARG C 114 20.97 20.66 -15.28
C ARG C 114 20.60 20.07 -16.65
N TYR C 115 19.50 20.52 -17.24
CA TYR C 115 19.14 20.08 -18.58
C TYR C 115 20.23 20.43 -19.57
N ASP C 116 20.79 21.62 -19.43
CA ASP C 116 21.87 22.07 -20.30
C ASP C 116 23.11 21.20 -20.13
N ALA C 117 23.37 20.79 -18.90
CA ALA C 117 24.55 19.97 -18.61
C ALA C 117 24.40 18.58 -19.20
N ILE C 118 23.18 18.06 -19.18
CA ILE C 118 22.89 16.75 -19.73
C ILE C 118 22.93 16.80 -21.26
N GLU C 119 22.33 17.84 -21.82
CA GLU C 119 22.29 18.01 -23.27
C GLU C 119 23.66 18.23 -23.89
N GLU C 120 24.59 18.77 -23.10
CA GLU C 120 25.94 18.95 -23.61
C GLU C 120 26.57 17.59 -23.86
N VAL C 121 26.14 16.59 -23.09
CA VAL C 121 26.68 15.24 -23.22
C VAL C 121 25.82 14.36 -24.13
N LEU C 122 24.51 14.35 -23.89
CA LEU C 122 23.61 13.51 -24.68
C LEU C 122 23.49 14.01 -26.10
N GLY C 123 23.48 15.32 -26.24
CA GLY C 123 23.30 15.98 -27.51
C GLY C 123 21.99 16.74 -27.48
N ARG C 124 22.07 18.01 -27.85
CA ARG C 124 20.92 18.90 -27.83
C ARG C 124 19.79 18.42 -28.73
N GLU C 125 20.16 17.90 -29.91
CA GLU C 125 19.16 17.49 -30.88
C GLU C 125 18.49 16.18 -30.45
N LYS C 126 19.31 15.24 -29.98
CA LYS C 126 18.82 13.92 -29.56
C LYS C 126 17.87 14.01 -28.37
N MET C 127 18.12 14.95 -27.48
CA MET C 127 17.25 15.17 -26.34
C MET C 127 15.84 15.52 -26.82
N LEU C 128 15.77 16.34 -27.85
CA LEU C 128 14.50 16.78 -28.42
C LEU C 128 13.75 15.63 -29.07
N LEU C 129 14.47 14.76 -29.75
CA LEU C 129 13.89 13.60 -30.42
C LEU C 129 13.29 12.61 -29.43
N LEU C 130 13.97 12.42 -28.30
CA LEU C 130 13.52 11.50 -27.27
C LEU C 130 12.15 11.85 -26.74
N LYS C 131 11.91 13.14 -26.51
CA LYS C 131 10.61 13.61 -26.05
C LYS C 131 9.52 13.24 -27.06
N ASP C 132 9.80 13.43 -28.34
CA ASP C 132 8.84 13.11 -29.38
C ASP C 132 8.53 11.62 -29.42
N LEU C 133 9.58 10.80 -29.38
CA LEU C 133 9.42 9.35 -29.44
C LEU C 133 8.69 8.81 -28.22
N LEU C 134 8.95 9.39 -27.06
CA LEU C 134 8.27 8.97 -25.84
C LEU C 134 6.79 9.29 -25.91
N ALA C 135 6.46 10.41 -26.54
CA ALA C 135 5.07 10.81 -26.67
C ALA C 135 4.34 9.87 -27.63
N GLU C 136 5.04 9.46 -28.69
CA GLU C 136 4.46 8.52 -29.65
C GLU C 136 4.27 7.15 -29.01
N LEU C 137 5.24 6.73 -28.22
CA LEU C 137 5.17 5.45 -27.52
C LEU C 137 4.03 5.50 -26.52
N ALA C 138 3.86 6.65 -25.90
CA ALA C 138 2.82 6.86 -24.92
C ALA C 138 1.43 6.90 -25.55
N LYS C 139 1.33 7.42 -26.78
CA LYS C 139 0.02 7.61 -27.38
C LYS C 139 -0.57 6.30 -27.87
N ILE C 140 0.28 5.29 -28.04
CA ILE C 140 -0.20 3.98 -28.45
C ILE C 140 -0.64 3.28 -27.16
N GLU C 141 -1.67 3.83 -26.51
CA GLU C 141 -2.16 3.26 -25.26
C GLU C 141 -2.98 1.99 -25.48
N ASP C 142 -4.05 2.12 -26.25
CA ASP C 142 -4.89 0.99 -26.65
C ASP C 142 -5.24 0.04 -25.50
N SER D 9 9.36 18.01 -18.64
CA SER D 9 9.09 17.64 -20.03
C SER D 9 9.51 16.20 -20.31
N ILE D 10 10.80 15.94 -20.21
CA ILE D 10 11.34 14.61 -20.45
C ILE D 10 11.04 13.70 -19.26
N ASN D 11 11.14 14.26 -18.05
CA ASN D 11 10.75 13.56 -16.84
C ASN D 11 9.31 13.07 -16.94
N ILE D 12 8.41 13.96 -17.34
CA ILE D 12 7.00 13.65 -17.42
C ILE D 12 6.72 12.69 -18.58
N GLY D 13 7.39 12.91 -19.71
CA GLY D 13 7.24 12.05 -20.86
C GLY D 13 7.64 10.62 -20.54
N LEU D 14 8.66 10.49 -19.71
CA LEU D 14 9.12 9.17 -19.28
C LEU D 14 8.06 8.45 -18.46
N ILE D 15 7.42 9.18 -17.54
CA ILE D 15 6.44 8.55 -16.65
C ILE D 15 5.16 8.25 -17.41
N GLN D 16 4.84 9.09 -18.38
CA GLN D 16 3.63 8.89 -19.18
C GLN D 16 3.80 7.70 -20.09
N ALA D 17 5.00 7.54 -20.63
CA ALA D 17 5.31 6.41 -21.50
C ALA D 17 5.27 5.08 -20.75
N ARG D 18 5.88 5.06 -19.58
CA ARG D 18 5.96 3.82 -18.80
C ARG D 18 4.63 3.47 -18.15
N GLU D 19 3.87 4.49 -17.76
CA GLU D 19 2.57 4.27 -17.13
C GLU D 19 1.59 3.66 -18.11
N ALA D 20 1.61 4.15 -19.35
CA ALA D 20 0.75 3.61 -20.39
C ALA D 20 1.15 2.18 -20.71
N LEU D 21 2.44 1.90 -20.57
CA LEU D 21 2.97 0.56 -20.80
C LEU D 21 2.63 -0.36 -19.64
N MET D 22 2.63 0.21 -18.44
CA MET D 22 2.40 -0.55 -17.23
C MET D 22 0.96 -0.98 -17.03
N THR D 23 0.01 -0.20 -17.51
CA THR D 23 -1.41 -0.53 -17.33
C THR D 23 -1.81 -1.82 -18.03
N GLN D 24 -1.18 -2.09 -19.17
CA GLN D 24 -1.44 -3.29 -19.94
C GLN D 24 -0.55 -4.45 -19.52
N PHE D 25 0.44 -4.17 -18.68
CA PHE D 25 1.39 -5.19 -18.24
C PHE D 25 1.04 -5.67 -16.83
N ARG D 26 0.34 -4.83 -16.07
CA ARG D 26 -0.06 -5.16 -14.70
C ARG D 26 -0.93 -6.43 -14.55
N PRO D 27 -1.92 -6.64 -15.44
CA PRO D 27 -2.70 -7.88 -15.34
C PRO D 27 -1.83 -9.14 -15.48
N ILE D 28 -0.77 -9.03 -16.27
CA ILE D 28 0.15 -10.14 -16.47
C ILE D 28 0.90 -10.46 -15.18
N LEU D 29 1.36 -9.42 -14.49
CA LEU D 29 2.10 -9.60 -13.25
C LEU D 29 1.28 -10.26 -12.15
N ASN D 30 -0.02 -10.01 -12.13
CA ASN D 30 -0.88 -10.60 -11.11
C ASN D 30 -1.15 -12.09 -11.35
N GLN D 31 -1.03 -12.54 -12.59
CA GLN D 31 -1.21 -13.95 -12.91
C GLN D 31 -0.08 -14.81 -12.35
N ALA D 32 1.10 -14.23 -12.24
CA ALA D 32 2.23 -14.93 -11.60
C ALA D 32 2.40 -14.43 -10.18
N ASN D 33 1.56 -13.45 -9.84
CA ASN D 33 1.54 -12.80 -8.53
C ASN D 33 2.92 -12.23 -8.14
N ILE D 34 3.65 -11.73 -9.13
CA ILE D 34 4.93 -11.08 -8.90
C ILE D 34 4.72 -9.58 -9.08
N THR D 35 5.45 -8.77 -8.32
CA THR D 35 5.35 -7.33 -8.48
C THR D 35 6.30 -6.84 -9.56
N ASP D 36 6.17 -5.57 -9.93
CA ASP D 36 7.02 -4.94 -10.93
C ASP D 36 8.48 -5.08 -10.56
N GLN D 37 8.79 -4.66 -9.34
CA GLN D 37 10.16 -4.67 -8.85
C GLN D 37 10.72 -6.08 -8.82
N GLN D 38 9.89 -7.05 -8.44
CA GLN D 38 10.33 -8.44 -8.45
C GLN D 38 10.66 -8.87 -9.86
N TRP D 39 9.83 -8.45 -10.82
CA TRP D 39 10.07 -8.77 -12.22
C TRP D 39 11.36 -8.16 -12.76
N ARG D 40 11.64 -6.92 -12.39
CA ARG D 40 12.88 -6.28 -12.78
C ARG D 40 14.09 -7.03 -12.25
N ILE D 41 14.00 -7.47 -10.99
CA ILE D 41 15.07 -8.23 -10.38
C ILE D 41 15.23 -9.57 -11.10
N ILE D 42 14.12 -10.23 -11.38
CA ILE D 42 14.15 -11.53 -12.05
C ILE D 42 14.76 -11.39 -13.43
N ARG D 43 14.33 -10.37 -14.18
CA ARG D 43 14.84 -10.17 -15.53
C ARG D 43 16.32 -9.78 -15.54
N LEU D 44 16.72 -8.90 -14.63
CA LEU D 44 18.11 -8.47 -14.56
C LEU D 44 19.05 -9.63 -14.24
N LEU D 45 18.62 -10.50 -13.32
CA LEU D 45 19.43 -11.65 -12.95
C LEU D 45 19.53 -12.64 -14.10
N ALA D 46 18.57 -12.58 -15.02
CA ALA D 46 18.57 -13.46 -16.18
C ALA D 46 19.37 -12.86 -17.33
N GLU D 47 19.19 -11.57 -17.58
CA GLU D 47 19.87 -10.89 -18.69
C GLU D 47 21.34 -10.69 -18.37
N ASN D 48 21.65 -10.65 -17.08
CA ASN D 48 23.03 -10.64 -16.61
C ASN D 48 23.29 -12.04 -16.09
N GLY D 49 24.54 -12.38 -15.84
CA GLY D 49 24.82 -13.72 -15.34
C GLY D 49 24.45 -13.79 -13.87
N THR D 50 25.17 -13.03 -13.06
CA THR D 50 24.90 -12.92 -11.64
C THR D 50 25.17 -11.49 -11.22
N LEU D 51 24.51 -11.03 -10.15
CA LEU D 51 24.70 -9.68 -9.68
C LEU D 51 24.75 -9.64 -8.16
N ASP D 52 25.62 -8.81 -7.62
CA ASP D 52 25.69 -8.62 -6.18
C ASP D 52 24.58 -7.67 -5.75
N PHE D 53 24.41 -7.53 -4.44
CA PHE D 53 23.34 -6.73 -3.86
C PHE D 53 23.32 -5.28 -4.36
N GLN D 54 24.47 -4.62 -4.27
CA GLN D 54 24.57 -3.21 -4.64
C GLN D 54 24.27 -2.98 -6.12
N ASP D 55 24.90 -3.77 -6.98
CA ASP D 55 24.71 -3.64 -8.42
C ASP D 55 23.27 -3.93 -8.81
N LEU D 56 22.65 -4.89 -8.13
CA LEU D 56 21.26 -5.23 -8.40
C LEU D 56 20.37 -4.04 -8.02
N ALA D 57 20.69 -3.41 -6.91
CA ALA D 57 19.94 -2.24 -6.43
C ALA D 57 20.02 -1.10 -7.43
N ASN D 58 21.22 -0.86 -7.95
CA ASN D 58 21.45 0.23 -8.89
C ASN D 58 20.73 0.04 -10.22
N GLN D 59 20.74 -1.19 -10.73
CA GLN D 59 20.15 -1.47 -12.03
C GLN D 59 18.63 -1.62 -11.96
N ALA D 60 18.14 -2.17 -10.86
CA ALA D 60 16.70 -2.33 -10.67
C ALA D 60 16.08 -1.02 -10.20
N CYS D 61 16.94 -0.07 -9.84
CA CYS D 61 16.54 1.21 -9.28
C CYS D 61 15.64 1.01 -8.06
N ILE D 62 16.15 0.22 -7.12
CA ILE D 62 15.47 -0.04 -5.87
C ILE D 62 16.38 0.32 -4.69
N LEU D 63 15.83 1.04 -3.72
CA LEU D 63 16.55 1.39 -2.51
C LEU D 63 17.02 0.15 -1.75
N ARG D 64 18.22 0.21 -1.20
CA ARG D 64 18.80 -0.93 -0.48
C ARG D 64 17.91 -1.49 0.65
N PRO D 65 17.26 -0.61 1.45
CA PRO D 65 16.37 -1.19 2.47
C PRO D 65 15.19 -1.98 1.87
N SER D 66 14.66 -1.52 0.74
CA SER D 66 13.56 -2.22 0.08
C SER D 66 13.99 -3.52 -0.60
N LEU D 67 15.19 -3.52 -1.17
CA LEU D 67 15.67 -4.66 -1.95
C LEU D 67 15.81 -5.94 -1.12
N THR D 68 16.29 -5.80 0.12
CA THR D 68 16.47 -6.94 1.01
C THR D 68 15.19 -7.73 1.21
N GLY D 69 14.11 -7.03 1.52
CA GLY D 69 12.82 -7.66 1.74
C GLY D 69 12.31 -8.33 0.49
N ILE D 70 12.46 -7.66 -0.65
CA ILE D 70 12.02 -8.21 -1.92
C ILE D 70 12.80 -9.47 -2.28
N LEU D 71 14.11 -9.43 -2.04
CA LEU D 71 14.96 -10.58 -2.31
C LEU D 71 14.57 -11.77 -1.44
N THR D 72 14.27 -11.49 -0.18
CA THR D 72 13.88 -12.55 0.76
C THR D 72 12.64 -13.28 0.28
N ARG D 73 11.67 -12.53 -0.26
CA ARG D 73 10.45 -13.14 -0.77
C ARG D 73 10.73 -14.01 -2.00
N LEU D 74 11.63 -13.55 -2.85
CA LEU D 74 11.99 -14.29 -4.04
C LEU D 74 12.70 -15.60 -3.70
N GLU D 75 13.40 -15.61 -2.56
CA GLU D 75 14.08 -16.82 -2.11
C GLU D 75 13.13 -17.76 -1.40
N LYS D 76 12.21 -17.20 -0.64
CA LYS D 76 11.15 -17.99 -0.03
C LYS D 76 10.32 -18.64 -1.13
N ALA D 77 10.18 -17.93 -2.24
CA ALA D 77 9.42 -18.42 -3.39
C ALA D 77 10.30 -19.30 -4.27
N GLY D 78 11.57 -19.44 -3.88
CA GLY D 78 12.48 -20.30 -4.61
C GLY D 78 12.77 -19.84 -6.02
N LEU D 79 12.79 -18.52 -6.23
CA LEU D 79 13.05 -17.97 -7.56
C LEU D 79 14.48 -17.42 -7.64
N VAL D 80 14.99 -16.97 -6.50
CA VAL D 80 16.34 -16.42 -6.40
C VAL D 80 17.05 -17.11 -5.25
N VAL D 81 18.37 -17.24 -5.33
CA VAL D 81 19.12 -17.86 -4.24
C VAL D 81 20.41 -17.09 -3.93
N ARG D 82 20.71 -16.92 -2.64
CA ARG D 82 21.97 -16.28 -2.23
C ARG D 82 23.10 -17.30 -2.17
N LEU D 83 24.32 -16.82 -2.41
CA LEU D 83 25.50 -17.68 -2.39
C LEU D 83 26.34 -17.42 -1.14
N VAL D 92 28.38 -10.66 -1.56
CA VAL D 92 27.16 -11.45 -1.65
C VAL D 92 26.52 -11.36 -3.05
N PHE D 93 26.49 -12.49 -3.75
CA PHE D 93 26.00 -12.49 -5.12
C PHE D 93 24.66 -13.19 -5.27
N LEU D 94 23.85 -12.70 -6.19
CA LEU D 94 22.52 -13.26 -6.41
C LEU D 94 22.37 -13.82 -7.82
N LYS D 95 21.61 -14.90 -7.94
CA LYS D 95 21.35 -15.50 -9.24
C LYS D 95 20.01 -16.22 -9.21
N LEU D 96 19.34 -16.29 -10.36
CA LEU D 96 18.07 -16.99 -10.45
C LEU D 96 18.23 -18.50 -10.28
N THR D 97 17.19 -19.13 -9.76
CA THR D 97 17.17 -20.57 -9.66
C THR D 97 16.76 -21.14 -11.01
N ALA D 98 16.70 -22.47 -11.11
CA ALA D 98 16.26 -23.12 -12.33
C ALA D 98 14.84 -22.71 -12.68
N GLU D 99 14.02 -22.64 -11.64
CA GLU D 99 12.63 -22.24 -11.78
C GLU D 99 12.50 -20.75 -12.12
N GLY D 100 13.41 -19.93 -11.57
CA GLY D 100 13.45 -18.51 -11.88
C GLY D 100 13.70 -18.28 -13.36
N GLU D 101 14.59 -19.11 -13.93
CA GLU D 101 14.88 -19.05 -15.35
C GLU D 101 13.66 -19.37 -16.19
N LYS D 102 12.86 -20.32 -15.73
CA LYS D 102 11.66 -20.72 -16.45
C LYS D 102 10.58 -19.63 -16.40
N LEU D 103 10.47 -18.99 -15.25
CA LEU D 103 9.48 -17.93 -15.07
C LEU D 103 9.79 -16.73 -15.95
N TYR D 104 11.08 -16.43 -16.08
CA TYR D 104 11.55 -15.32 -16.91
C TYR D 104 11.21 -15.50 -18.38
N GLU D 105 11.37 -16.73 -18.87
CA GLU D 105 11.14 -17.04 -20.27
C GLU D 105 9.66 -16.97 -20.64
N GLU D 106 8.80 -17.41 -19.72
CA GLU D 106 7.36 -17.41 -19.96
C GLU D 106 6.77 -15.99 -19.96
N ILE D 107 7.13 -15.20 -18.96
CA ILE D 107 6.68 -13.82 -18.87
C ILE D 107 7.33 -12.99 -19.97
N GLY D 108 8.62 -13.26 -20.21
CA GLY D 108 9.37 -12.58 -21.25
C GLY D 108 8.76 -12.78 -22.62
N GLU D 109 8.23 -13.97 -22.86
CA GLU D 109 7.59 -14.29 -24.14
C GLU D 109 6.36 -13.42 -24.38
N GLU D 110 5.56 -13.21 -23.34
CA GLU D 110 4.39 -12.37 -23.44
C GLU D 110 4.79 -10.92 -23.71
N VAL D 111 5.87 -10.49 -23.07
CA VAL D 111 6.38 -9.14 -23.23
C VAL D 111 6.90 -8.92 -24.65
N ASP D 112 7.61 -9.90 -25.19
CA ASP D 112 8.11 -9.82 -26.55
C ASP D 112 6.95 -9.70 -27.54
N GLU D 113 5.86 -10.42 -27.26
CA GLU D 113 4.66 -10.35 -28.08
C GLU D 113 4.04 -8.97 -27.96
N ARG D 114 4.19 -8.37 -26.79
CA ARG D 114 3.72 -7.01 -26.52
C ARG D 114 4.62 -5.99 -27.19
N TYR D 115 5.93 -6.25 -27.15
CA TYR D 115 6.91 -5.41 -27.81
C TYR D 115 6.66 -5.41 -29.32
N ASP D 116 6.37 -6.59 -29.87
CA ASP D 116 6.10 -6.73 -31.29
C ASP D 116 4.84 -5.98 -31.72
N ALA D 117 3.83 -5.97 -30.86
CA ALA D 117 2.57 -5.31 -31.18
C ALA D 117 2.75 -3.80 -31.26
N ILE D 118 3.61 -3.27 -30.38
CA ILE D 118 3.90 -1.85 -30.37
C ILE D 118 4.77 -1.46 -31.58
N GLU D 119 5.79 -2.28 -31.85
CA GLU D 119 6.71 -2.02 -32.94
C GLU D 119 6.02 -2.06 -34.29
N GLU D 120 4.93 -2.82 -34.38
CA GLU D 120 4.17 -2.93 -35.61
C GLU D 120 3.51 -1.60 -35.95
N VAL D 121 3.18 -0.82 -34.92
CA VAL D 121 2.51 0.47 -35.12
C VAL D 121 3.51 1.63 -35.11
N LEU D 122 4.38 1.65 -34.11
CA LEU D 122 5.34 2.74 -33.94
C LEU D 122 6.37 2.79 -35.06
N GLY D 123 6.81 1.61 -35.48
CA GLY D 123 7.84 1.54 -36.49
C GLY D 123 9.11 1.00 -35.88
N ARG D 124 9.68 0.03 -36.59
CA ARG D 124 10.90 -0.64 -36.18
C ARG D 124 12.07 0.35 -36.02
N GLU D 125 12.12 1.33 -36.91
CA GLU D 125 13.21 2.29 -36.93
C GLU D 125 13.13 3.23 -35.73
N LYS D 126 11.93 3.72 -35.45
CA LYS D 126 11.69 4.60 -34.31
C LYS D 126 11.91 3.85 -32.99
N MET D 127 11.52 2.58 -32.97
CA MET D 127 11.68 1.74 -31.80
C MET D 127 13.14 1.55 -31.40
N LEU D 128 13.98 1.31 -32.40
CA LEU D 128 15.40 1.09 -32.17
C LEU D 128 16.05 2.37 -31.65
N LEU D 129 15.62 3.50 -32.19
CA LEU D 129 16.12 4.81 -31.78
C LEU D 129 15.77 5.10 -30.34
N LEU D 130 14.55 4.73 -29.96
CA LEU D 130 14.07 4.94 -28.61
C LEU D 130 14.93 4.18 -27.61
N LYS D 131 15.26 2.93 -27.94
CA LYS D 131 16.12 2.11 -27.10
C LYS D 131 17.49 2.74 -26.86
N ASP D 132 18.09 3.23 -27.94
CA ASP D 132 19.41 3.83 -27.88
C ASP D 132 19.40 5.09 -27.01
N LEU D 133 18.41 5.95 -27.23
CA LEU D 133 18.32 7.20 -26.50
C LEU D 133 18.07 6.98 -25.00
N LEU D 134 17.24 6.00 -24.67
CA LEU D 134 16.97 5.66 -23.28
C LEU D 134 18.20 5.09 -22.59
N ALA D 135 18.99 4.32 -23.34
CA ALA D 135 20.21 3.73 -22.81
C ALA D 135 21.29 4.79 -22.56
N GLU D 136 21.39 5.75 -23.46
CA GLU D 136 22.35 6.84 -23.30
C GLU D 136 21.98 7.74 -22.12
N LEU D 137 20.69 7.99 -21.97
CA LEU D 137 20.18 8.86 -20.91
C LEU D 137 20.47 8.29 -19.53
N ALA D 138 20.39 6.97 -19.41
CA ALA D 138 20.65 6.30 -18.14
C ALA D 138 22.13 6.42 -17.78
N LYS D 139 22.97 6.42 -18.80
CA LYS D 139 24.43 6.41 -18.63
C LYS D 139 25.00 7.79 -18.27
N ILE D 140 24.17 8.84 -18.30
CA ILE D 140 24.70 10.19 -18.15
C ILE D 140 25.21 10.62 -16.77
N GLU D 141 25.22 9.71 -15.80
CA GLU D 141 25.78 10.08 -14.51
C GLU D 141 27.30 10.05 -14.59
N ASP D 142 27.83 8.90 -15.01
CA ASP D 142 29.25 8.71 -15.23
C ASP D 142 29.83 9.67 -16.28
N ALA D 143 28.97 10.18 -17.16
CA ALA D 143 29.43 11.00 -18.26
C ALA D 143 29.41 12.49 -17.94
N LEU D 144 28.77 12.86 -16.83
CA LEU D 144 28.73 14.24 -16.41
C LEU D 144 29.96 14.60 -15.58
#